data_1B04
#
_entry.id   1B04
#
_cell.length_a   95.720
_cell.length_b   95.720
_cell.length_c   225.890
_cell.angle_alpha   90.00
_cell.angle_beta   90.00
_cell.angle_gamma   90.00
#
_symmetry.space_group_name_H-M   'P 43 21 2'
#
loop_
_entity.id
_entity.type
_entity.pdbx_description
1 polymer 'PROTEIN (DNA LIGASE)'
2 water water
#
_entity_poly.entity_id   1
_entity_poly.type   'polypeptide(L)'
_entity_poly.pdbx_seq_one_letter_code
;MDRQQAERRAAELRELLNRYGYEYYVLDRPSVPDAEYDRLMQELIAIEEQYPELKTSDSPTQRIGGPPLEAFRKVAHRVP
MMSLANAFGEGDLRDFDRRVRQEVGEAAYVCELAIDGLAVSVRYEDGYFVQGATRGDGTTGEDITENLKTIRSLPLRLKE
PVSLEARGEAFMPKASFLRLNEERKARGEELFANPRNAAAGSLRQLDPKVAASRQLDLFVYGLADAEALGIASHSEALDY
LQALGFKVNPERRRCANIDEVIAFVSEWHDKRPQLPYEIDGIVIKVDSFAQQRALGATAKSPRWAIAYKFPAEEVVTT
;
_entity_poly.pdbx_strand_id   A,B
#
# COMPACT_ATOMS: atom_id res chain seq x y z
N ASP A 2 -3.06 28.73 21.15
CA ASP A 2 -3.60 28.08 19.93
C ASP A 2 -3.10 26.64 19.85
N ARG A 3 -1.84 26.30 19.65
CA ARG A 3 -1.42 24.90 19.61
C ARG A 3 -1.90 24.04 20.77
N GLN A 4 -2.05 24.55 21.98
CA GLN A 4 -2.62 23.77 23.06
C GLN A 4 -4.16 23.68 22.88
N GLN A 5 -4.72 24.78 22.38
CA GLN A 5 -6.18 24.80 22.22
C GLN A 5 -6.59 24.09 20.94
N ALA A 6 -5.64 24.00 19.99
CA ALA A 6 -5.89 23.35 18.72
C ALA A 6 -6.29 21.91 18.95
N GLU A 7 -5.42 21.19 19.64
CA GLU A 7 -5.67 19.81 20.02
C GLU A 7 -7.06 19.64 20.66
N ARG A 8 -7.30 20.42 21.69
CA ARG A 8 -8.58 20.33 22.41
C ARG A 8 -9.72 20.36 21.43
N ARG A 9 -9.85 21.48 20.73
CA ARG A 9 -10.93 21.68 19.77
C ARG A 9 -10.86 20.65 18.66
N ALA A 10 -9.74 20.19 18.12
CA ALA A 10 -9.81 19.23 17.02
C ALA A 10 -10.43 17.91 17.46
N ALA A 11 -10.15 17.57 18.70
CA ALA A 11 -10.65 16.43 19.43
C ALA A 11 -12.14 16.60 19.63
N GLU A 12 -12.67 17.78 20.02
CA GLU A 12 -14.13 17.88 20.15
C GLU A 12 -14.78 17.54 18.82
N LEU A 13 -14.17 18.23 17.88
CA LEU A 13 -14.46 18.32 16.48
C LEU A 13 -14.55 16.94 15.88
N ARG A 14 -13.46 16.21 16.15
CA ARG A 14 -13.46 14.83 15.75
C ARG A 14 -14.68 14.14 16.37
N GLU A 15 -14.96 14.24 17.66
CA GLU A 15 -16.04 13.46 18.22
C GLU A 15 -17.35 13.79 17.55
N LEU A 16 -17.71 15.07 17.54
CA LEU A 16 -18.98 15.51 16.98
C LEU A 16 -19.10 15.10 15.54
N LEU A 17 -18.17 15.47 14.68
CA LEU A 17 -18.23 15.06 13.28
C LEU A 17 -18.39 13.57 13.12
N ASN A 18 -17.66 12.80 13.92
CA ASN A 18 -17.79 11.35 13.86
C ASN A 18 -19.23 11.00 14.21
N ARG A 19 -19.72 11.52 15.33
CA ARG A 19 -21.10 11.23 15.68
C ARG A 19 -21.99 11.55 14.49
N TYR A 20 -22.17 12.83 14.18
CA TYR A 20 -23.01 13.28 13.10
C TYR A 20 -22.86 12.60 11.77
N GLY A 21 -21.73 12.06 11.32
CA GLY A 21 -21.57 11.38 10.05
C GLY A 21 -22.25 9.99 10.07
N TYR A 22 -22.34 9.45 11.28
CA TYR A 22 -23.03 8.22 11.51
C TYR A 22 -24.53 8.39 11.21
N GLU A 23 -25.11 9.44 11.79
CA GLU A 23 -26.52 9.67 11.48
C GLU A 23 -26.63 10.08 10.02
N TYR A 24 -25.84 10.90 9.33
CA TYR A 24 -26.16 11.12 7.92
C TYR A 24 -25.91 9.87 7.11
N TYR A 25 -24.62 9.60 6.95
CA TYR A 25 -24.14 8.52 6.11
C TYR A 25 -24.57 7.10 6.37
N VAL A 26 -24.85 6.76 7.63
CA VAL A 26 -25.24 5.43 7.99
C VAL A 26 -26.72 5.31 8.24
N LEU A 27 -27.29 6.11 9.16
CA LEU A 27 -28.72 5.93 9.40
C LEU A 27 -29.54 6.64 8.36
N ASP A 28 -28.89 7.54 7.63
CA ASP A 28 -29.55 8.33 6.61
C ASP A 28 -30.58 9.23 7.28
N ARG A 29 -30.29 9.80 8.43
CA ARG A 29 -31.08 10.88 9.08
C ARG A 29 -30.49 12.04 8.27
N PRO A 30 -31.15 12.32 7.16
CA PRO A 30 -30.72 13.13 6.02
C PRO A 30 -29.25 13.13 5.75
N SER A 31 -28.66 14.23 5.31
CA SER A 31 -27.35 14.65 4.89
C SER A 31 -27.59 15.87 3.98
N VAL A 32 -28.73 16.48 4.18
CA VAL A 32 -29.40 17.64 3.59
C VAL A 32 -28.85 18.87 4.25
N PRO A 33 -29.55 19.98 4.44
CA PRO A 33 -29.03 21.09 5.24
C PRO A 33 -28.22 20.43 6.36
N ASP A 34 -26.91 20.49 6.15
CA ASP A 34 -25.92 19.83 6.96
C ASP A 34 -25.12 20.98 7.56
N ALA A 35 -25.58 22.22 7.65
CA ALA A 35 -24.78 23.39 8.02
C ALA A 35 -23.79 23.27 9.14
N GLU A 36 -24.03 23.35 10.44
CA GLU A 36 -23.21 23.03 11.58
C GLU A 36 -22.30 21.85 11.22
N TYR A 37 -22.75 20.76 10.63
CA TYR A 37 -21.86 19.70 10.21
C TYR A 37 -20.70 20.30 9.40
N ASP A 38 -21.01 20.98 8.32
CA ASP A 38 -20.11 21.67 7.44
C ASP A 38 -19.31 22.76 8.16
N ARG A 39 -19.92 23.49 9.06
CA ARG A 39 -19.23 24.56 9.78
C ARG A 39 -18.08 23.93 10.58
N LEU A 40 -18.56 22.85 11.24
CA LEU A 40 -17.69 22.04 12.08
C LEU A 40 -16.60 21.43 11.23
N MET A 41 -16.79 20.99 10.01
CA MET A 41 -15.75 20.37 9.22
C MET A 41 -14.73 21.41 8.74
N GLN A 42 -15.20 22.61 8.46
CA GLN A 42 -14.38 23.73 8.02
C GLN A 42 -13.47 24.22 9.16
N GLU A 43 -13.95 24.17 10.42
CA GLU A 43 -13.03 24.49 11.49
C GLU A 43 -11.98 23.40 11.64
N LEU A 44 -12.27 22.09 11.65
CA LEU A 44 -11.24 21.12 11.77
C LEU A 44 -10.32 21.41 10.57
N ILE A 45 -10.77 21.33 9.34
CA ILE A 45 -9.81 21.52 8.25
C ILE A 45 -8.83 22.65 8.52
N ALA A 46 -9.29 23.84 8.94
CA ALA A 46 -8.42 24.96 9.19
C ALA A 46 -7.41 24.75 10.31
N ILE A 47 -7.76 24.02 11.36
CA ILE A 47 -6.85 23.73 12.43
C ILE A 47 -5.76 22.78 11.92
N GLU A 48 -6.15 21.82 11.09
CA GLU A 48 -5.11 20.94 10.58
C GLU A 48 -4.26 21.72 9.61
N GLU A 49 -4.74 22.64 8.81
CA GLU A 49 -3.94 23.52 7.97
C GLU A 49 -2.77 24.17 8.72
N GLN A 50 -2.92 24.73 9.91
CA GLN A 50 -1.76 25.27 10.61
C GLN A 50 -1.09 24.31 11.57
N TYR A 51 -1.56 23.09 11.74
CA TYR A 51 -1.08 22.12 12.73
C TYR A 51 -1.32 20.78 12.07
N PRO A 52 -0.56 20.54 10.99
CA PRO A 52 -0.68 19.35 10.17
C PRO A 52 -0.39 18.13 10.99
N GLU A 53 0.33 18.27 12.08
CA GLU A 53 0.68 17.23 13.01
C GLU A 53 -0.53 16.87 13.85
N LEU A 54 -1.71 17.42 13.77
CA LEU A 54 -2.79 16.92 14.62
C LEU A 54 -3.81 16.14 13.80
N LYS A 55 -3.58 16.08 12.50
CA LYS A 55 -4.47 15.39 11.58
C LYS A 55 -4.22 13.89 11.74
N THR A 56 -5.02 13.35 12.62
CA THR A 56 -5.20 11.98 12.98
C THR A 56 -5.61 11.18 11.74
N SER A 57 -5.08 9.97 11.59
CA SER A 57 -5.41 8.99 10.59
C SER A 57 -6.91 8.75 10.48
N ASP A 58 -7.67 8.77 11.58
CA ASP A 58 -9.11 8.67 11.31
C ASP A 58 -9.84 9.95 11.73
N SER A 59 -9.30 11.10 11.24
CA SER A 59 -9.91 12.41 11.39
C SER A 59 -10.89 12.49 10.20
N PRO A 60 -12.01 13.13 10.45
CA PRO A 60 -13.04 13.31 9.45
C PRO A 60 -12.47 13.94 8.21
N THR A 61 -11.49 14.81 8.31
CA THR A 61 -10.72 15.37 7.20
C THR A 61 -10.26 14.38 6.17
N GLN A 62 -9.97 13.13 6.51
CA GLN A 62 -9.51 12.11 5.60
C GLN A 62 -10.44 11.70 4.52
N ARG A 63 -11.69 12.01 4.52
CA ARG A 63 -12.72 11.72 3.57
C ARG A 63 -12.65 12.67 2.37
N ILE A 64 -11.88 13.74 2.61
CA ILE A 64 -11.63 14.73 1.59
C ILE A 64 -10.64 14.09 0.60
N GLY A 65 -9.67 13.47 1.26
CA GLY A 65 -8.66 12.71 0.60
C GLY A 65 -7.37 13.48 0.49
N GLY A 66 -6.35 12.74 0.83
CA GLY A 66 -4.97 13.11 0.75
C GLY A 66 -4.43 13.14 -0.66
N PRO A 67 -3.09 13.08 -0.70
CA PRO A 67 -2.35 13.22 -1.95
C PRO A 67 -2.39 11.90 -2.67
N PRO A 68 -2.11 11.99 -3.97
CA PRO A 68 -2.11 10.80 -4.80
C PRO A 68 -1.05 9.86 -4.26
N LEU A 69 -1.02 8.64 -4.73
CA LEU A 69 0.01 7.68 -4.49
C LEU A 69 0.47 7.44 -5.95
N GLU A 70 1.71 7.01 -6.12
CA GLU A 70 2.00 6.70 -7.53
C GLU A 70 2.13 5.18 -7.58
N ALA A 71 1.77 4.51 -6.50
CA ALA A 71 1.80 3.05 -6.56
C ALA A 71 0.95 2.47 -5.45
N PHE A 72 0.51 1.24 -5.58
CA PHE A 72 -0.27 0.62 -4.52
C PHE A 72 0.54 -0.62 -4.12
N ARG A 73 0.46 -1.08 -2.88
CA ARG A 73 1.24 -2.19 -2.37
C ARG A 73 0.39 -3.46 -2.38
N LYS A 74 0.95 -4.66 -2.57
CA LYS A 74 0.09 -5.84 -2.49
C LYS A 74 -0.10 -6.15 -0.99
N VAL A 75 -1.27 -6.64 -0.70
CA VAL A 75 -1.68 -7.06 0.63
C VAL A 75 -2.41 -8.38 0.53
N ALA A 76 -1.94 -9.24 1.41
CA ALA A 76 -2.46 -10.59 1.56
C ALA A 76 -3.37 -10.62 2.78
N HIS A 77 -2.91 -9.99 3.81
CA HIS A 77 -3.17 -9.69 5.16
C HIS A 77 -4.47 -9.91 5.93
N ARG A 78 -4.73 -11.13 6.37
CA ARG A 78 -5.72 -11.67 7.26
C ARG A 78 -6.95 -12.43 6.76
N VAL A 79 -6.97 -13.74 6.51
CA VAL A 79 -8.03 -14.66 6.10
C VAL A 79 -8.51 -14.66 4.65
N PRO A 80 -8.42 -15.79 3.96
CA PRO A 80 -8.76 -15.96 2.56
C PRO A 80 -10.12 -15.46 2.15
N MET A 81 -10.38 -14.91 1.00
CA MET A 81 -11.70 -14.41 0.68
C MET A 81 -12.40 -15.31 -0.36
N MET A 82 -12.89 -16.45 0.12
CA MET A 82 -13.65 -17.36 -0.74
C MET A 82 -14.72 -16.66 -1.55
N SER A 83 -14.98 -17.18 -2.69
CA SER A 83 -15.93 -16.88 -3.72
C SER A 83 -17.07 -17.87 -3.63
N LEU A 84 -18.25 -17.67 -4.11
CA LEU A 84 -19.36 -18.57 -3.92
C LEU A 84 -19.84 -19.29 -5.15
N ALA A 85 -20.33 -20.49 -4.94
CA ALA A 85 -20.94 -21.26 -6.01
C ALA A 85 -22.13 -20.47 -6.55
N ASN A 86 -22.43 -20.65 -7.86
CA ASN A 86 -23.57 -19.84 -8.34
C ASN A 86 -24.78 -20.72 -8.52
N ALA A 87 -25.97 -20.18 -8.40
CA ALA A 87 -27.19 -20.93 -8.68
C ALA A 87 -27.90 -20.18 -9.79
N PHE A 88 -28.57 -20.81 -10.75
CA PHE A 88 -29.32 -19.99 -11.73
C PHE A 88 -30.80 -20.34 -11.80
N GLY A 89 -31.33 -21.23 -10.96
CA GLY A 89 -32.77 -21.44 -11.09
C GLY A 89 -33.39 -22.14 -9.91
N GLU A 90 -34.66 -21.91 -9.59
CA GLU A 90 -35.31 -22.65 -8.49
C GLU A 90 -34.79 -24.07 -8.61
N GLY A 91 -34.16 -24.87 -7.78
CA GLY A 91 -33.72 -26.12 -8.46
C GLY A 91 -32.25 -26.38 -8.38
N ASP A 92 -31.43 -25.32 -8.53
CA ASP A 92 -30.02 -25.40 -8.20
C ASP A 92 -30.17 -25.11 -6.70
N LEU A 93 -31.20 -24.31 -6.42
CA LEU A 93 -31.56 -23.86 -5.11
C LEU A 93 -32.05 -25.04 -4.30
N ARG A 94 -32.83 -25.93 -4.91
CA ARG A 94 -33.37 -27.09 -4.23
C ARG A 94 -32.26 -28.09 -3.99
N ASP A 95 -31.46 -28.20 -5.06
CA ASP A 95 -30.30 -29.07 -4.94
C ASP A 95 -29.27 -28.56 -3.94
N PHE A 96 -29.19 -27.23 -3.80
CA PHE A 96 -28.23 -26.72 -2.81
C PHE A 96 -28.86 -27.07 -1.44
N ASP A 97 -30.19 -26.94 -1.27
CA ASP A 97 -30.71 -27.26 0.04
C ASP A 97 -30.57 -28.75 0.36
N ARG A 98 -30.78 -29.60 -0.64
CA ARG A 98 -30.82 -31.02 -0.41
C ARG A 98 -29.48 -31.46 0.16
N ARG A 99 -28.35 -30.91 -0.29
CA ARG A 99 -27.09 -31.34 0.33
C ARG A 99 -26.98 -30.68 1.69
N VAL A 100 -27.67 -29.56 1.91
CA VAL A 100 -27.76 -28.99 3.24
C VAL A 100 -28.49 -29.98 4.14
N ARG A 101 -29.68 -30.48 3.85
CA ARG A 101 -30.52 -31.37 4.64
C ARG A 101 -29.97 -32.76 4.89
N GLN A 102 -29.39 -33.39 3.88
CA GLN A 102 -28.74 -34.67 4.05
C GLN A 102 -27.74 -34.59 5.20
N GLU A 103 -26.99 -33.49 5.27
CA GLU A 103 -25.95 -33.33 6.24
C GLU A 103 -26.40 -32.71 7.52
N VAL A 104 -27.41 -31.86 7.64
CA VAL A 104 -27.66 -31.17 8.90
C VAL A 104 -29.16 -31.08 9.14
N GLY A 105 -30.04 -31.60 8.30
CA GLY A 105 -31.46 -31.46 8.59
C GLY A 105 -31.89 -30.06 8.14
N GLU A 106 -33.17 -29.76 8.19
CA GLU A 106 -33.62 -28.40 7.90
C GLU A 106 -32.68 -27.43 8.61
N ALA A 107 -32.17 -26.47 7.90
CA ALA A 107 -31.27 -25.43 8.35
C ALA A 107 -31.87 -24.07 7.93
N ALA A 108 -31.86 -23.19 8.95
CA ALA A 108 -32.33 -21.83 8.64
C ALA A 108 -31.21 -21.21 7.82
N TYR A 109 -31.58 -20.40 6.86
CA TYR A 109 -30.76 -19.57 6.02
C TYR A 109 -30.93 -18.07 6.38
N VAL A 110 -29.99 -17.28 5.93
CA VAL A 110 -29.93 -15.84 5.89
C VAL A 110 -29.80 -15.54 4.37
N CYS A 111 -30.68 -14.73 3.90
CA CYS A 111 -30.71 -14.30 2.51
C CYS A 111 -30.31 -12.83 2.43
N GLU A 112 -29.40 -12.52 1.52
CA GLU A 112 -29.00 -11.10 1.44
C GLU A 112 -29.06 -10.65 -0.02
N LEU A 113 -29.13 -9.34 -0.24
CA LEU A 113 -29.09 -8.89 -1.65
C LEU A 113 -27.66 -8.82 -2.15
N ALA A 114 -27.30 -9.42 -3.24
CA ALA A 114 -25.94 -9.39 -3.77
C ALA A 114 -25.73 -8.13 -4.61
N ILE A 115 -24.98 -7.20 -4.06
CA ILE A 115 -24.67 -5.91 -4.63
C ILE A 115 -23.61 -6.03 -5.71
N ASP A 116 -23.78 -5.32 -6.82
CA ASP A 116 -22.88 -5.40 -7.95
C ASP A 116 -21.79 -4.37 -7.76
N GLY A 117 -20.67 -4.74 -7.20
CA GLY A 117 -19.71 -3.68 -6.88
C GLY A 117 -18.31 -4.26 -6.75
N LEU A 118 -17.57 -3.72 -5.81
CA LEU A 118 -16.19 -4.18 -5.67
C LEU A 118 -16.07 -4.76 -4.28
N ALA A 119 -15.62 -6.00 -4.21
CA ALA A 119 -15.45 -6.64 -2.87
C ALA A 119 -14.19 -6.14 -2.19
N VAL A 120 -14.23 -5.75 -0.95
CA VAL A 120 -13.05 -5.30 -0.22
C VAL A 120 -12.99 -5.89 1.19
N SER A 121 -11.87 -5.85 1.86
CA SER A 121 -11.67 -6.14 3.26
C SER A 121 -11.17 -4.85 3.96
N VAL A 122 -11.68 -4.58 5.13
CA VAL A 122 -11.33 -3.45 5.94
C VAL A 122 -10.90 -3.92 7.32
N ARG A 123 -9.76 -3.48 7.80
CA ARG A 123 -9.30 -3.97 9.09
C ARG A 123 -9.17 -2.84 10.08
N TYR A 124 -9.50 -3.23 11.34
CA TYR A 124 -9.58 -2.31 12.45
C TYR A 124 -8.78 -2.79 13.65
N GLU A 125 -8.22 -1.81 14.36
CA GLU A 125 -7.45 -2.15 15.53
C GLU A 125 -7.89 -1.23 16.63
N ASP A 126 -8.34 -1.81 17.74
CA ASP A 126 -8.86 -0.91 18.77
C ASP A 126 -9.86 0.05 18.13
N GLY A 127 -10.84 -0.34 17.30
CA GLY A 127 -11.81 0.64 16.84
C GLY A 127 -11.30 1.47 15.67
N TYR A 128 -10.00 1.67 15.51
CA TYR A 128 -9.46 2.44 14.42
C TYR A 128 -9.32 1.73 13.10
N PHE A 129 -9.77 2.35 12.02
CA PHE A 129 -9.55 1.77 10.71
C PHE A 129 -8.04 1.84 10.46
N VAL A 130 -7.31 0.76 10.30
CA VAL A 130 -5.92 0.77 10.00
C VAL A 130 -5.63 0.41 8.54
N GLN A 131 -6.34 -0.48 7.88
CA GLN A 131 -5.95 -0.79 6.51
C GLN A 131 -7.07 -1.24 5.60
N GLY A 132 -7.16 -1.05 4.30
CA GLY A 132 -8.25 -1.46 3.42
C GLY A 132 -7.71 -2.25 2.22
N ALA A 133 -8.40 -3.22 1.62
CA ALA A 133 -7.77 -3.93 0.51
C ALA A 133 -8.81 -4.49 -0.43
N THR A 134 -8.43 -4.74 -1.68
CA THR A 134 -9.42 -5.30 -2.60
C THR A 134 -9.50 -6.81 -2.39
N ARG A 135 -10.40 -7.57 -3.03
CA ARG A 135 -10.44 -9.02 -2.90
C ARG A 135 -9.24 -9.62 -3.64
N GLY A 136 -8.87 -9.07 -4.79
CA GLY A 136 -7.67 -9.61 -5.46
C GLY A 136 -8.01 -10.96 -6.03
N ASP A 137 -7.17 -11.97 -5.89
CA ASP A 137 -7.55 -13.31 -6.39
C ASP A 137 -8.31 -14.04 -5.27
N GLY A 138 -8.23 -13.44 -4.10
CA GLY A 138 -8.82 -13.98 -2.91
C GLY A 138 -7.80 -14.14 -1.79
N THR A 139 -6.50 -14.21 -2.17
CA THR A 139 -5.55 -14.39 -1.07
C THR A 139 -4.62 -13.18 -1.06
N THR A 140 -4.62 -12.48 -2.20
CA THR A 140 -3.86 -11.25 -2.24
C THR A 140 -4.63 -10.18 -3.01
N GLY A 141 -4.48 -8.97 -2.46
CA GLY A 141 -5.13 -7.80 -3.06
C GLY A 141 -4.37 -6.50 -2.84
N GLU A 142 -4.94 -5.37 -3.28
CA GLU A 142 -4.22 -4.11 -3.15
C GLU A 142 -4.76 -3.22 -2.05
N ASP A 143 -3.75 -2.59 -1.49
CA ASP A 143 -4.01 -1.72 -0.37
C ASP A 143 -4.73 -0.50 -0.90
N ILE A 144 -6.04 -0.42 -0.67
CA ILE A 144 -6.80 0.76 -1.15
C ILE A 144 -7.39 1.58 0.03
N THR A 145 -6.56 1.72 1.06
CA THR A 145 -6.94 2.34 2.28
C THR A 145 -7.30 3.79 2.17
N GLU A 146 -6.44 4.65 1.69
CA GLU A 146 -6.79 6.06 1.45
C GLU A 146 -8.01 6.20 0.58
N ASN A 147 -8.27 5.50 -0.52
CA ASN A 147 -9.53 5.65 -1.21
C ASN A 147 -10.74 5.18 -0.43
N LEU A 148 -10.60 4.14 0.39
CA LEU A 148 -11.69 3.69 1.25
C LEU A 148 -12.07 4.69 2.33
N LYS A 149 -11.17 5.59 2.78
CA LYS A 149 -11.46 6.57 3.79
C LYS A 149 -12.41 7.64 3.23
N THR A 150 -12.54 7.73 1.91
CA THR A 150 -13.42 8.72 1.34
C THR A 150 -14.85 8.27 1.27
N ILE A 151 -15.11 6.97 1.42
CA ILE A 151 -16.46 6.45 1.46
C ILE A 151 -17.01 6.90 2.80
N ARG A 152 -17.86 7.91 2.80
CA ARG A 152 -18.35 8.49 4.05
C ARG A 152 -19.12 7.52 4.93
N SER A 153 -19.84 6.51 4.46
CA SER A 153 -20.48 5.60 5.37
C SER A 153 -19.48 4.64 5.99
N LEU A 154 -18.28 4.42 5.50
CA LEU A 154 -17.37 3.58 6.27
C LEU A 154 -16.78 4.25 7.49
N PRO A 155 -16.81 3.68 8.67
CA PRO A 155 -16.26 4.34 9.87
C PRO A 155 -14.77 4.41 9.98
N LEU A 156 -14.16 5.53 10.36
CA LEU A 156 -12.73 5.65 10.58
C LEU A 156 -12.40 5.21 11.99
N ARG A 157 -13.36 5.42 12.87
CA ARG A 157 -13.30 5.00 14.26
C ARG A 157 -14.61 4.37 14.61
N LEU A 158 -14.68 3.18 15.15
CA LEU A 158 -15.89 2.37 15.40
C LEU A 158 -16.44 2.69 16.79
N LYS A 159 -17.65 2.25 17.10
CA LYS A 159 -18.26 2.54 18.37
C LYS A 159 -17.58 1.90 19.56
N GLU A 160 -16.89 0.77 19.42
CA GLU A 160 -16.20 0.19 20.57
C GLU A 160 -14.81 -0.07 20.07
N PRO A 161 -13.83 -0.06 20.93
CA PRO A 161 -12.47 -0.29 20.58
C PRO A 161 -12.10 -1.75 20.43
N VAL A 162 -12.51 -2.30 19.29
CA VAL A 162 -12.14 -3.68 18.95
C VAL A 162 -11.24 -3.75 17.75
N SER A 163 -10.61 -4.88 17.60
CA SER A 163 -9.67 -5.26 16.50
C SER A 163 -10.32 -6.40 15.72
N LEU A 164 -10.65 -6.15 14.46
CA LEU A 164 -11.34 -7.16 13.67
C LEU A 164 -11.09 -6.82 12.20
N GLU A 165 -11.45 -7.73 11.31
CA GLU A 165 -11.51 -7.46 9.90
C GLU A 165 -12.89 -7.87 9.37
N ALA A 166 -13.42 -7.03 8.49
CA ALA A 166 -14.80 -7.29 8.05
C ALA A 166 -14.76 -7.18 6.53
N ARG A 167 -15.83 -7.62 5.91
CA ARG A 167 -15.85 -7.60 4.46
C ARG A 167 -17.16 -6.90 4.08
N GLY A 168 -17.00 -6.09 3.06
CA GLY A 168 -18.10 -5.37 2.48
C GLY A 168 -17.86 -5.22 0.98
N GLU A 169 -18.94 -4.79 0.38
CA GLU A 169 -19.07 -4.45 -1.01
C GLU A 169 -19.34 -2.93 -1.13
N ALA A 170 -18.40 -2.33 -1.82
CA ALA A 170 -18.31 -0.95 -2.23
C ALA A 170 -19.07 -0.79 -3.55
N PHE A 171 -19.95 0.19 -3.61
CA PHE A 171 -20.67 0.43 -4.82
C PHE A 171 -20.92 1.93 -5.01
N MET A 172 -21.48 2.24 -6.18
CA MET A 172 -21.85 3.62 -6.48
C MET A 172 -23.33 3.60 -6.80
N PRO A 173 -24.12 4.47 -6.20
CA PRO A 173 -25.56 4.48 -6.45
C PRO A 173 -25.94 4.87 -7.84
N LYS A 174 -26.84 4.21 -8.52
CA LYS A 174 -27.40 4.46 -9.83
C LYS A 174 -27.33 5.89 -10.38
N ALA A 175 -27.92 6.81 -9.65
CA ALA A 175 -27.96 8.22 -9.80
C ALA A 175 -26.76 8.68 -8.98
N SER A 176 -25.70 8.87 -9.72
CA SER A 176 -24.40 9.23 -9.16
C SER A 176 -23.60 8.70 -10.35
N PHE A 177 -23.94 7.46 -10.69
CA PHE A 177 -23.41 6.83 -11.87
C PHE A 177 -23.89 7.54 -13.15
N LEU A 178 -25.14 7.98 -13.12
CA LEU A 178 -25.74 8.67 -14.23
C LEU A 178 -25.11 10.06 -14.24
N ARG A 179 -25.32 10.79 -13.15
CA ARG A 179 -24.68 12.09 -12.93
C ARG A 179 -23.27 12.05 -13.52
N LEU A 180 -22.42 11.22 -12.90
CA LEU A 180 -21.04 10.98 -13.26
C LEU A 180 -20.79 10.99 -14.75
N ASN A 181 -21.17 9.94 -15.46
CA ASN A 181 -21.11 9.75 -16.88
C ASN A 181 -21.53 10.98 -17.66
N GLU A 182 -22.61 11.66 -17.38
CA GLU A 182 -22.97 12.82 -18.17
C GLU A 182 -21.79 13.78 -18.23
N GLU A 183 -21.32 14.27 -17.08
CA GLU A 183 -20.15 15.14 -17.07
C GLU A 183 -19.03 14.51 -17.90
N ARG A 184 -18.79 13.21 -17.82
CA ARG A 184 -17.85 12.50 -18.67
C ARG A 184 -18.12 12.69 -20.17
N LYS A 185 -19.40 12.78 -20.54
CA LYS A 185 -19.93 13.05 -21.85
C LYS A 185 -19.77 14.55 -22.15
N ALA A 186 -19.97 15.37 -21.13
CA ALA A 186 -19.75 16.82 -21.27
C ALA A 186 -18.28 16.97 -21.68
N ARG A 187 -17.37 16.21 -21.08
CA ARG A 187 -15.99 16.23 -21.56
C ARG A 187 -15.86 15.22 -22.70
N GLU A 190 -15.91 10.94 -22.55
CA GLU A 190 -15.44 9.57 -22.20
C GLU A 190 -16.56 8.81 -21.56
N LEU A 191 -16.56 7.69 -20.83
CA LEU A 191 -17.80 7.17 -20.24
C LEU A 191 -17.83 5.76 -19.64
N PHE A 192 -18.33 5.57 -18.42
CA PHE A 192 -18.34 4.25 -17.81
C PHE A 192 -19.51 3.35 -18.23
N ALA A 193 -19.10 2.08 -18.31
CA ALA A 193 -19.96 0.98 -18.66
C ALA A 193 -21.16 0.92 -17.76
N ASN A 194 -20.94 0.80 -16.45
CA ASN A 194 -22.02 0.64 -15.47
C ASN A 194 -21.46 0.97 -14.10
N PRO A 195 -22.28 0.96 -13.06
CA PRO A 195 -21.81 1.26 -11.72
C PRO A 195 -20.68 0.34 -11.30
N ARG A 196 -20.79 -0.99 -11.41
CA ARG A 196 -19.71 -1.89 -11.00
C ARG A 196 -18.37 -1.34 -11.45
N ASN A 197 -18.20 -1.11 -12.75
CA ASN A 197 -16.92 -0.59 -13.23
C ASN A 197 -16.64 0.84 -12.82
N ALA A 198 -17.64 1.64 -12.56
CA ALA A 198 -17.45 2.98 -12.04
C ALA A 198 -16.81 2.87 -10.65
N ALA A 199 -17.38 2.11 -9.72
CA ALA A 199 -16.87 1.92 -8.38
C ALA A 199 -15.49 1.28 -8.32
N ALA A 200 -15.32 0.23 -9.10
CA ALA A 200 -14.00 -0.42 -9.12
C ALA A 200 -13.00 0.56 -9.73
N GLY A 201 -13.45 1.32 -10.72
CA GLY A 201 -12.61 2.36 -11.33
C GLY A 201 -12.22 3.39 -10.26
N SER A 202 -13.25 3.99 -9.67
CA SER A 202 -12.99 5.00 -8.64
C SER A 202 -12.08 4.49 -7.56
N LEU A 203 -12.29 3.28 -7.04
CA LEU A 203 -11.43 2.74 -6.00
C LEU A 203 -10.09 2.29 -6.53
N ARG A 204 -9.95 1.95 -7.81
CA ARG A 204 -8.61 1.47 -8.20
C ARG A 204 -7.67 2.50 -8.79
N GLN A 205 -8.03 3.76 -8.82
CA GLN A 205 -7.11 4.79 -9.27
C GLN A 205 -6.38 5.31 -8.05
N LEU A 206 -5.24 5.91 -8.24
CA LEU A 206 -4.33 6.40 -7.25
C LEU A 206 -4.70 7.70 -6.56
N ASP A 207 -5.71 8.43 -7.02
CA ASP A 207 -5.94 9.73 -6.40
C ASP A 207 -7.09 9.73 -5.42
N PRO A 208 -6.77 9.89 -4.14
CA PRO A 208 -7.82 9.85 -3.12
C PRO A 208 -8.94 10.81 -3.45
N LYS A 209 -8.56 12.04 -3.83
CA LYS A 209 -9.58 13.04 -4.17
C LYS A 209 -10.49 12.70 -5.34
N VAL A 210 -10.16 11.82 -6.29
CA VAL A 210 -11.15 11.55 -7.35
C VAL A 210 -12.09 10.47 -6.85
N ALA A 211 -11.63 9.64 -5.91
CA ALA A 211 -12.50 8.68 -5.25
C ALA A 211 -13.56 9.49 -4.50
N ALA A 212 -13.00 10.41 -3.69
CA ALA A 212 -13.84 11.24 -2.85
C ALA A 212 -14.94 11.97 -3.57
N SER A 213 -14.77 12.25 -4.86
CA SER A 213 -15.70 12.95 -5.72
C SER A 213 -16.75 12.07 -6.40
N ARG A 214 -16.53 10.74 -6.36
CA ARG A 214 -17.48 9.80 -6.93
C ARG A 214 -18.57 9.35 -5.99
N GLN A 215 -18.73 9.88 -4.77
CA GLN A 215 -19.88 9.45 -3.98
C GLN A 215 -20.13 7.94 -3.85
N LEU A 216 -19.13 7.20 -3.39
CA LEU A 216 -19.15 5.76 -3.21
C LEU A 216 -19.94 5.39 -1.98
N ASP A 217 -20.39 4.17 -1.82
CA ASP A 217 -21.11 3.71 -0.62
C ASP A 217 -20.63 2.28 -0.38
N LEU A 218 -20.90 1.70 0.77
CA LEU A 218 -20.44 0.33 1.01
C LEU A 218 -21.37 -0.38 2.00
N PHE A 219 -21.50 -1.68 1.72
CA PHE A 219 -22.37 -2.45 2.64
C PHE A 219 -21.51 -3.56 3.24
N VAL A 220 -21.36 -3.59 4.53
CA VAL A 220 -20.56 -4.59 5.24
C VAL A 220 -21.40 -5.87 5.37
N TYR A 221 -20.80 -7.00 4.99
CA TYR A 221 -21.52 -8.26 4.91
C TYR A 221 -20.85 -9.43 5.63
N GLY A 222 -19.71 -9.26 6.25
CA GLY A 222 -19.17 -10.37 6.96
C GLY A 222 -18.06 -9.97 7.89
N LEU A 223 -17.76 -10.95 8.72
CA LEU A 223 -16.70 -10.78 9.73
C LEU A 223 -15.69 -11.86 9.55
N ALA A 224 -14.47 -11.60 9.15
CA ALA A 224 -13.42 -12.62 9.08
C ALA A 224 -13.33 -13.16 10.52
N ASP A 225 -12.78 -14.34 10.76
CA ASP A 225 -12.69 -14.78 12.12
C ASP A 225 -13.73 -14.43 13.15
N ALA A 226 -14.99 -14.62 12.78
CA ALA A 226 -16.07 -14.40 13.72
C ALA A 226 -16.06 -15.38 14.91
N GLU A 227 -15.52 -16.59 14.77
CA GLU A 227 -15.54 -17.59 15.79
C GLU A 227 -14.59 -17.12 16.89
N ALA A 228 -13.44 -16.62 16.48
CA ALA A 228 -12.52 -16.12 17.51
C ALA A 228 -13.13 -14.97 18.30
N LEU A 229 -14.05 -14.14 17.80
CA LEU A 229 -14.68 -13.12 18.58
C LEU A 229 -15.89 -13.57 19.36
N GLY A 230 -16.30 -14.83 19.32
CA GLY A 230 -17.45 -15.30 20.02
C GLY A 230 -18.74 -15.29 19.23
N ILE A 231 -18.74 -14.96 17.96
CA ILE A 231 -20.02 -14.98 17.26
C ILE A 231 -20.40 -16.40 16.84
N ALA A 232 -21.68 -16.75 16.91
CA ALA A 232 -22.02 -18.14 16.55
C ALA A 232 -23.01 -18.24 15.41
N SER A 233 -23.35 -17.15 14.73
CA SER A 233 -24.39 -17.17 13.71
C SER A 233 -24.08 -16.09 12.68
N HIS A 234 -24.48 -16.31 11.43
CA HIS A 234 -24.29 -15.30 10.39
C HIS A 234 -25.16 -14.11 10.76
N SER A 235 -26.40 -14.30 11.17
CA SER A 235 -27.28 -13.25 11.61
C SER A 235 -26.74 -12.56 12.84
N GLU A 236 -25.96 -13.30 13.65
CA GLU A 236 -25.41 -12.55 14.80
C GLU A 236 -24.21 -11.73 14.37
N ALA A 237 -23.45 -12.12 13.37
CA ALA A 237 -22.34 -11.37 12.85
C ALA A 237 -22.76 -9.98 12.36
N LEU A 238 -23.71 -9.95 11.39
CA LEU A 238 -24.21 -8.70 10.88
C LEU A 238 -24.70 -7.81 12.01
N ASP A 239 -25.59 -8.28 12.85
CA ASP A 239 -26.10 -7.48 13.95
C ASP A 239 -24.95 -6.90 14.74
N TYR A 240 -23.97 -7.79 15.01
CA TYR A 240 -22.83 -7.30 15.79
C TYR A 240 -22.17 -6.18 15.05
N LEU A 241 -22.03 -6.37 13.76
CA LEU A 241 -21.35 -5.42 12.88
C LEU A 241 -22.15 -4.14 12.86
N GLN A 242 -23.46 -4.30 12.87
CA GLN A 242 -24.33 -3.08 12.93
C GLN A 242 -24.15 -2.43 14.28
N ALA A 243 -24.24 -3.08 15.41
CA ALA A 243 -23.95 -2.45 16.67
C ALA A 243 -22.62 -1.69 16.69
N LEU A 244 -21.57 -2.01 15.96
CA LEU A 244 -20.35 -1.25 15.97
C LEU A 244 -20.36 0.02 15.15
N GLY A 245 -21.27 0.24 14.22
CA GLY A 245 -21.34 1.44 13.44
C GLY A 245 -21.22 1.23 11.95
N PHE A 246 -21.16 -0.01 11.47
CA PHE A 246 -20.97 -0.29 10.07
C PHE A 246 -22.30 -0.16 9.36
N LYS A 247 -22.33 -0.03 8.05
CA LYS A 247 -23.59 0.01 7.33
C LYS A 247 -23.91 -1.43 6.94
N VAL A 248 -25.02 -1.94 7.47
CA VAL A 248 -25.34 -3.30 7.06
C VAL A 248 -26.61 -3.25 6.24
N ASN A 249 -26.69 -3.88 5.10
CA ASN A 249 -27.88 -3.77 4.26
C ASN A 249 -29.09 -4.21 5.05
N PRO A 250 -30.15 -3.44 5.12
CA PRO A 250 -31.35 -3.76 5.86
C PRO A 250 -32.36 -4.61 5.15
N GLU A 251 -32.21 -5.09 3.94
CA GLU A 251 -33.19 -5.95 3.31
C GLU A 251 -32.89 -7.42 3.57
N ARG A 252 -31.91 -7.63 4.44
CA ARG A 252 -31.51 -8.99 4.78
C ARG A 252 -32.63 -9.64 5.56
N ARG A 253 -32.87 -10.91 5.34
CA ARG A 253 -33.93 -11.63 6.05
C ARG A 253 -33.55 -13.06 6.38
N ARG A 254 -33.90 -13.58 7.54
CA ARG A 254 -33.71 -14.97 7.93
C ARG A 254 -34.80 -15.86 7.30
N CYS A 255 -34.43 -16.93 6.63
CA CYS A 255 -35.35 -17.81 5.95
C CYS A 255 -35.36 -19.24 6.49
N ALA A 256 -36.52 -19.64 7.00
CA ALA A 256 -36.65 -20.95 7.60
C ALA A 256 -36.44 -22.05 6.60
N ASN A 257 -36.82 -21.94 5.34
CA ASN A 257 -36.49 -23.10 4.50
C ASN A 257 -36.28 -22.68 3.06
N ILE A 258 -36.01 -23.59 2.12
CA ILE A 258 -35.84 -23.21 0.77
C ILE A 258 -37.02 -22.45 0.15
N ASP A 259 -38.23 -22.84 0.56
CA ASP A 259 -39.38 -22.20 -0.03
C ASP A 259 -39.31 -20.72 0.25
N GLU A 260 -39.06 -20.31 1.48
CA GLU A 260 -39.05 -18.87 1.74
C GLU A 260 -37.84 -18.19 1.08
N VAL A 261 -36.81 -19.01 0.94
CA VAL A 261 -35.62 -18.60 0.22
C VAL A 261 -36.11 -18.13 -1.14
N ILE A 262 -36.66 -18.95 -1.97
CA ILE A 262 -37.26 -18.66 -3.27
C ILE A 262 -38.31 -17.54 -3.22
N ALA A 263 -39.16 -17.48 -2.19
CA ALA A 263 -40.07 -16.35 -2.05
C ALA A 263 -39.20 -15.09 -1.93
N PHE A 264 -38.18 -15.05 -1.05
CA PHE A 264 -37.30 -13.90 -1.08
C PHE A 264 -36.68 -13.62 -2.46
N VAL A 265 -36.28 -14.67 -3.16
CA VAL A 265 -35.59 -14.52 -4.43
C VAL A 265 -36.50 -13.95 -5.49
N SER A 266 -37.80 -14.15 -5.41
CA SER A 266 -38.72 -13.68 -6.43
C SER A 266 -39.06 -12.23 -6.10
N GLU A 267 -39.19 -11.99 -4.78
CA GLU A 267 -39.50 -10.67 -4.28
C GLU A 267 -38.39 -9.72 -4.75
N TRP A 268 -37.10 -10.07 -4.75
CA TRP A 268 -36.15 -9.06 -5.21
C TRP A 268 -36.08 -8.99 -6.70
N HIS A 269 -36.28 -10.13 -7.35
CA HIS A 269 -36.22 -10.13 -8.80
C HIS A 269 -37.12 -9.03 -9.36
N ASP A 270 -38.33 -8.90 -8.84
CA ASP A 270 -39.17 -7.84 -9.43
C ASP A 270 -39.19 -6.54 -8.69
N LYS A 271 -38.68 -6.43 -7.47
CA LYS A 271 -38.61 -5.20 -6.70
C LYS A 271 -37.24 -4.52 -6.87
N ARG A 272 -36.38 -5.19 -7.65
CA ARG A 272 -35.03 -4.78 -7.92
C ARG A 272 -34.91 -3.49 -8.68
N PRO A 273 -35.72 -3.20 -9.70
CA PRO A 273 -35.66 -1.94 -10.42
C PRO A 273 -35.81 -0.75 -9.49
N GLN A 274 -36.68 -0.82 -8.50
CA GLN A 274 -36.89 0.19 -7.49
C GLN A 274 -35.69 0.36 -6.57
N LEU A 275 -34.55 -0.31 -6.67
CA LEU A 275 -33.46 -0.07 -5.73
C LEU A 275 -32.57 1.07 -6.18
N PRO A 276 -32.08 1.86 -5.21
CA PRO A 276 -31.15 2.96 -5.52
C PRO A 276 -29.78 2.44 -5.88
N TYR A 277 -29.51 1.15 -5.73
CA TYR A 277 -28.26 0.50 -6.06
C TYR A 277 -28.54 -0.73 -6.92
N GLU A 278 -27.51 -1.17 -7.67
CA GLU A 278 -27.71 -2.29 -8.58
C GLU A 278 -27.41 -3.63 -7.91
N ILE A 279 -28.43 -4.51 -7.94
CA ILE A 279 -28.23 -5.83 -7.36
C ILE A 279 -28.19 -6.78 -8.54
N ASP A 280 -27.26 -7.65 -8.52
CA ASP A 280 -26.81 -8.78 -9.20
C ASP A 280 -27.43 -10.15 -8.92
N GLY A 281 -28.15 -10.31 -7.82
CA GLY A 281 -28.68 -11.62 -7.46
C GLY A 281 -28.87 -11.67 -5.95
N ILE A 282 -28.76 -12.86 -5.36
CA ILE A 282 -29.04 -12.95 -3.91
C ILE A 282 -28.13 -13.99 -3.31
N VAL A 283 -27.41 -13.69 -2.27
CA VAL A 283 -26.50 -14.58 -1.58
C VAL A 283 -27.27 -15.25 -0.46
N ILE A 284 -27.14 -16.58 -0.42
CA ILE A 284 -27.87 -17.33 0.62
C ILE A 284 -26.91 -18.09 1.50
N LYS A 285 -27.04 -17.99 2.82
CA LYS A 285 -26.10 -18.76 3.65
C LYS A 285 -26.75 -19.57 4.75
N VAL A 286 -26.17 -20.69 5.10
CA VAL A 286 -26.75 -21.48 6.22
C VAL A 286 -26.42 -20.61 7.42
N ASP A 287 -27.34 -20.20 8.26
CA ASP A 287 -27.02 -19.26 9.29
C ASP A 287 -26.08 -19.77 10.35
N SER A 288 -26.36 -20.89 10.93
CA SER A 288 -25.58 -21.42 12.02
C SER A 288 -24.15 -21.73 11.63
N PHE A 289 -23.29 -21.29 12.58
CA PHE A 289 -21.87 -21.59 12.33
C PHE A 289 -21.61 -23.08 12.52
N ALA A 290 -22.41 -23.77 13.34
CA ALA A 290 -22.25 -25.19 13.50
C ALA A 290 -22.78 -25.85 12.24
N GLN A 291 -23.88 -25.43 11.59
CA GLN A 291 -24.14 -26.27 10.40
C GLN A 291 -23.04 -26.00 9.40
N GLN A 292 -22.48 -24.79 9.31
CA GLN A 292 -21.38 -24.50 8.42
C GLN A 292 -20.18 -25.41 8.61
N ARG A 293 -19.78 -25.65 9.85
CA ARG A 293 -18.68 -26.52 10.13
C ARG A 293 -18.98 -27.90 9.56
N ALA A 294 -20.17 -28.38 9.79
CA ALA A 294 -20.59 -29.70 9.37
C ALA A 294 -20.58 -29.83 7.85
N LEU A 295 -21.03 -28.77 7.16
CA LEU A 295 -21.00 -28.85 5.72
C LEU A 295 -19.61 -28.61 5.18
N GLY A 296 -18.84 -27.76 5.84
CA GLY A 296 -17.52 -27.39 5.37
C GLY A 296 -17.44 -26.86 3.95
N ALA A 297 -16.20 -27.00 3.44
CA ALA A 297 -15.93 -26.48 2.09
C ALA A 297 -15.03 -27.36 1.23
N THR A 298 -14.95 -26.95 -0.03
CA THR A 298 -14.19 -27.61 -1.08
C THR A 298 -13.09 -26.63 -1.48
N ALA A 299 -12.61 -25.86 -0.54
CA ALA A 299 -11.52 -24.89 -0.53
C ALA A 299 -11.31 -24.07 -1.81
N LYS A 300 -12.46 -23.68 -2.30
CA LYS A 300 -13.02 -23.08 -3.44
C LYS A 300 -14.29 -22.32 -2.96
N SER A 301 -15.22 -23.24 -2.60
CA SER A 301 -16.55 -22.81 -2.30
C SER A 301 -17.23 -23.56 -1.18
N PRO A 302 -17.62 -22.77 -0.18
CA PRO A 302 -18.37 -23.32 0.94
C PRO A 302 -19.51 -24.16 0.42
N ARG A 303 -19.84 -25.23 1.14
CA ARG A 303 -20.99 -26.05 0.77
C ARG A 303 -22.13 -25.39 1.53
N TRP A 304 -21.85 -24.45 2.41
CA TRP A 304 -22.98 -23.89 3.13
C TRP A 304 -23.48 -22.57 2.57
N ALA A 305 -22.94 -22.23 1.40
CA ALA A 305 -23.39 -20.99 0.79
C ALA A 305 -23.56 -21.09 -0.73
N ILE A 306 -24.53 -20.43 -1.29
CA ILE A 306 -24.71 -20.35 -2.71
C ILE A 306 -24.95 -18.86 -3.05
N ALA A 307 -24.73 -18.50 -4.29
CA ALA A 307 -24.89 -17.16 -4.81
C ALA A 307 -25.96 -17.15 -5.90
N TYR A 308 -27.19 -16.86 -5.60
CA TYR A 308 -28.17 -16.84 -6.70
C TYR A 308 -27.87 -15.69 -7.66
N LYS A 309 -27.51 -15.99 -8.90
CA LYS A 309 -27.28 -14.93 -9.88
C LYS A 309 -28.54 -14.69 -10.68
N PHE A 310 -29.17 -13.53 -10.53
CA PHE A 310 -30.39 -13.24 -11.29
C PHE A 310 -30.22 -13.36 -12.79
N PRO A 311 -31.33 -13.57 -13.50
CA PRO A 311 -31.31 -13.73 -14.93
C PRO A 311 -31.00 -12.60 -15.88
N ALA A 312 -31.24 -12.98 -17.13
CA ALA A 312 -31.21 -12.61 -18.48
C ALA A 312 -32.25 -11.68 -19.07
N GLU A 313 -32.57 -10.56 -18.45
CA GLU A 313 -33.53 -9.61 -19.07
C GLU A 313 -33.86 -9.98 -20.58
N MET B 1 49.52 12.60 -29.32
CA MET B 1 49.10 12.77 -27.93
C MET B 1 47.59 12.87 -27.97
N ASP B 2 47.09 14.03 -27.53
CA ASP B 2 45.69 14.34 -27.32
C ASP B 2 44.93 13.06 -27.50
N ARG B 3 44.26 12.49 -28.42
CA ARG B 3 43.60 11.21 -28.28
C ARG B 3 44.16 10.13 -27.37
N GLN B 4 45.43 9.79 -27.40
CA GLN B 4 46.06 8.83 -26.51
C GLN B 4 46.21 9.44 -25.11
N GLN B 5 46.61 10.73 -25.05
CA GLN B 5 46.64 11.41 -23.77
C GLN B 5 45.26 11.38 -23.08
N ALA B 6 44.25 11.80 -23.81
CA ALA B 6 42.88 11.88 -23.40
C ALA B 6 42.40 10.60 -22.74
N GLU B 7 42.55 9.45 -23.39
CA GLU B 7 42.20 8.21 -22.76
C GLU B 7 42.95 8.00 -21.46
N ARG B 8 44.28 8.03 -21.55
CA ARG B 8 45.12 7.84 -20.38
C ARG B 8 44.60 8.86 -19.39
N ARG B 9 44.54 10.15 -19.70
CA ARG B 9 43.99 11.07 -18.72
C ARG B 9 42.58 10.81 -18.23
N ALA B 10 41.60 10.52 -19.09
CA ALA B 10 40.22 10.33 -18.68
C ALA B 10 40.07 9.16 -17.72
N ALA B 11 40.69 8.05 -18.06
CA ALA B 11 40.76 6.90 -17.16
C ALA B 11 41.36 7.38 -15.84
N GLU B 12 42.44 8.12 -15.71
CA GLU B 12 42.92 8.51 -14.39
C GLU B 12 41.87 9.28 -13.58
N LEU B 13 41.21 10.21 -14.21
CA LEU B 13 40.22 11.12 -13.66
C LEU B 13 39.00 10.35 -13.20
N ARG B 14 38.63 9.31 -13.95
CA ARG B 14 37.55 8.44 -13.53
C ARG B 14 37.99 7.71 -12.25
N GLU B 15 39.24 7.28 -12.10
CA GLU B 15 39.59 6.67 -10.82
C GLU B 15 39.55 7.69 -9.69
N LEU B 16 40.16 8.85 -9.75
CA LEU B 16 40.05 9.80 -8.66
C LEU B 16 38.60 10.14 -8.33
N LEU B 17 37.81 10.59 -9.30
CA LEU B 17 36.44 11.02 -8.99
C LEU B 17 35.52 9.99 -8.43
N ASN B 18 35.60 8.75 -8.88
CA ASN B 18 34.78 7.67 -8.34
C ASN B 18 35.18 7.40 -6.90
N ARG B 19 36.47 7.32 -6.58
CA ARG B 19 36.83 7.19 -5.17
C ARG B 19 36.36 8.39 -4.34
N TYR B 20 36.63 9.60 -4.82
CA TYR B 20 36.26 10.81 -4.13
C TYR B 20 34.77 10.91 -3.91
N GLY B 21 33.98 10.47 -4.87
CA GLY B 21 32.54 10.55 -4.86
C GLY B 21 31.90 9.66 -3.82
N TYR B 22 32.53 8.53 -3.59
CA TYR B 22 32.11 7.56 -2.60
C TYR B 22 32.23 8.11 -1.19
N GLU B 23 33.31 8.83 -0.90
CA GLU B 23 33.54 9.43 0.39
C GLU B 23 32.68 10.64 0.65
N TYR B 24 32.33 11.48 -0.33
CA TYR B 24 31.51 12.59 0.06
C TYR B 24 30.09 12.01 0.13
N TYR B 25 29.69 11.37 -0.95
CA TYR B 25 28.28 11.00 -1.12
C TYR B 25 27.76 9.84 -0.33
N VAL B 26 28.66 8.88 -0.07
CA VAL B 26 28.25 7.67 0.62
C VAL B 26 28.72 7.72 2.06
N LEU B 27 30.03 7.71 2.28
CA LEU B 27 30.58 7.85 3.59
C LEU B 27 30.35 9.23 4.21
N ASP B 28 30.18 10.30 3.45
CA ASP B 28 30.09 11.63 4.07
C ASP B 28 31.40 11.85 4.84
N ARG B 29 32.56 11.59 4.20
CA ARG B 29 33.90 11.80 4.72
C ARG B 29 34.96 11.94 3.63
N PRO B 30 35.13 13.16 3.12
CA PRO B 30 36.09 13.61 2.12
C PRO B 30 37.53 13.17 1.94
N SER B 31 38.44 14.09 1.66
CA SER B 31 39.87 14.08 1.46
C SER B 31 40.30 14.93 0.26
N VAL B 32 39.59 16.00 0.07
CA VAL B 32 38.99 17.13 -0.42
C VAL B 32 39.21 18.58 -0.37
N PRO B 33 40.23 19.18 -0.97
CA PRO B 33 39.88 20.61 -1.27
C PRO B 33 38.61 20.26 -2.11
N ASP B 34 37.37 20.75 -1.90
CA ASP B 34 36.20 20.43 -2.71
C ASP B 34 36.42 20.94 -4.14
N ALA B 35 37.33 21.90 -4.17
CA ALA B 35 37.97 22.61 -5.22
C ALA B 35 38.76 21.61 -6.04
N GLU B 36 39.36 20.59 -5.44
CA GLU B 36 40.10 19.61 -6.20
C GLU B 36 39.15 18.70 -6.96
N TYR B 37 38.11 18.33 -6.26
CA TYR B 37 37.11 17.46 -6.81
C TYR B 37 36.60 18.21 -8.04
N ASP B 38 36.22 19.46 -7.88
CA ASP B 38 35.57 20.23 -8.95
C ASP B 38 36.45 20.43 -10.16
N ARG B 39 37.70 20.78 -9.88
CA ARG B 39 38.65 20.92 -10.97
C ARG B 39 38.90 19.64 -11.75
N LEU B 40 39.04 18.50 -11.08
CA LEU B 40 39.20 17.23 -11.74
C LEU B 40 37.96 16.98 -12.63
N MET B 41 36.78 17.34 -12.10
CA MET B 41 35.56 17.04 -12.84
C MET B 41 35.52 17.84 -14.13
N GLN B 42 35.96 19.10 -13.89
CA GLN B 42 36.04 20.09 -14.97
C GLN B 42 37.02 19.61 -16.03
N GLU B 43 38.14 19.06 -15.64
CA GLU B 43 39.01 18.51 -16.68
C GLU B 43 38.40 17.36 -17.43
N LEU B 44 37.61 16.51 -16.75
CA LEU B 44 37.01 15.36 -17.44
C LEU B 44 35.90 15.82 -18.39
N ILE B 45 35.12 16.79 -17.97
CA ILE B 45 34.07 17.32 -18.83
C ILE B 45 34.68 17.86 -20.13
N ALA B 46 35.75 18.64 -20.14
CA ALA B 46 36.40 19.11 -21.33
C ALA B 46 37.17 18.05 -22.09
N ILE B 47 37.76 17.00 -21.47
CA ILE B 47 38.42 16.02 -22.32
C ILE B 47 37.36 15.36 -23.20
N GLU B 48 36.24 15.03 -22.54
CA GLU B 48 35.11 14.36 -23.11
C GLU B 48 34.41 15.26 -24.11
N GLU B 49 34.53 16.57 -23.97
CA GLU B 49 33.97 17.50 -24.93
C GLU B 49 34.81 17.34 -26.20
N GLN B 50 36.12 17.11 -26.29
CA GLN B 50 36.56 16.89 -27.66
C GLN B 50 36.46 15.41 -28.03
N TYR B 51 36.46 14.45 -27.11
CA TYR B 51 36.33 13.05 -27.48
C TYR B 51 35.18 12.40 -26.73
N PRO B 52 33.98 12.63 -27.23
CA PRO B 52 32.78 12.06 -26.69
C PRO B 52 32.85 10.55 -26.66
N GLU B 53 33.61 9.89 -27.50
CA GLU B 53 33.84 8.50 -27.54
C GLU B 53 34.52 8.16 -26.25
N LEU B 54 35.22 9.01 -25.54
CA LEU B 54 35.85 8.54 -24.33
C LEU B 54 34.81 8.64 -23.23
N LYS B 55 33.61 9.12 -23.48
CA LYS B 55 32.75 9.14 -22.30
C LYS B 55 32.13 7.80 -21.97
N THR B 56 32.73 6.99 -21.18
CA THR B 56 32.33 5.71 -20.59
C THR B 56 30.96 5.67 -19.91
N SER B 57 30.48 4.47 -19.72
CA SER B 57 29.20 4.15 -19.12
C SER B 57 29.16 4.65 -17.68
N ASP B 58 30.27 4.35 -16.98
CA ASP B 58 30.23 4.71 -15.54
C ASP B 58 31.28 5.78 -15.21
N SER B 59 31.38 6.84 -16.02
CA SER B 59 32.14 8.02 -15.95
C SER B 59 31.39 8.98 -14.99
N PRO B 60 32.11 9.65 -14.13
CA PRO B 60 31.56 10.63 -13.23
C PRO B 60 30.59 11.53 -13.95
N THR B 61 30.92 11.90 -15.17
CA THR B 61 30.16 12.63 -16.15
C THR B 61 28.76 12.12 -16.26
N GLN B 62 28.35 10.85 -16.21
CA GLN B 62 26.95 10.44 -16.32
C GLN B 62 26.06 11.05 -15.24
N ARG B 63 26.60 11.54 -14.13
CA ARG B 63 25.82 12.17 -13.10
C ARG B 63 25.10 13.43 -13.57
N ILE B 64 25.73 14.09 -14.55
CA ILE B 64 25.26 15.34 -15.08
C ILE B 64 23.98 15.15 -15.85
N GLY B 65 23.78 14.01 -16.47
CA GLY B 65 22.49 13.82 -17.14
C GLY B 65 22.60 14.10 -18.61
N GLY B 66 21.52 13.74 -19.31
CA GLY B 66 21.64 13.97 -20.73
C GLY B 66 20.47 14.68 -21.34
N PRO B 67 20.49 14.59 -22.66
CA PRO B 67 19.38 15.13 -23.44
C PRO B 67 18.11 14.45 -22.99
N PRO B 68 16.95 15.08 -23.00
CA PRO B 68 15.67 14.45 -22.73
C PRO B 68 15.35 13.18 -23.52
N LEU B 69 14.45 12.40 -22.92
CA LEU B 69 13.95 11.13 -23.38
C LEU B 69 12.46 11.17 -23.72
N GLU B 70 12.26 10.36 -24.77
CA GLU B 70 11.02 10.20 -25.54
C GLU B 70 10.22 9.09 -24.89
N ALA B 71 11.03 8.07 -24.62
CA ALA B 71 10.45 6.92 -23.93
C ALA B 71 11.50 6.09 -23.19
N PHE B 72 10.98 5.14 -22.41
CA PHE B 72 11.80 4.27 -21.56
C PHE B 72 11.84 2.88 -22.14
N ARG B 73 13.01 2.27 -22.23
CA ARG B 73 13.26 0.97 -22.82
C ARG B 73 14.24 0.05 -22.12
N LYS B 74 14.21 -1.18 -22.58
CA LYS B 74 14.94 -2.39 -22.23
C LYS B 74 13.97 -3.36 -21.57
N VAL B 75 12.75 -2.89 -21.42
CA VAL B 75 11.49 -3.39 -20.95
C VAL B 75 11.59 -4.25 -19.72
N ALA B 76 10.79 -4.27 -18.64
CA ALA B 76 11.14 -5.32 -17.62
C ALA B 76 10.12 -6.42 -17.57
N HIS B 77 10.25 -7.71 -17.29
CA HIS B 77 9.22 -8.74 -17.16
C HIS B 77 9.66 -9.79 -16.15
N ARG B 78 9.52 -9.63 -14.84
CA ARG B 78 10.02 -10.56 -13.82
C ARG B 78 10.41 -9.90 -12.49
N VAL B 79 10.44 -10.58 -11.38
CA VAL B 79 10.67 -10.65 -10.00
C VAL B 79 10.13 -9.56 -9.07
N PRO B 80 8.86 -9.70 -8.67
CA PRO B 80 8.14 -8.80 -7.81
C PRO B 80 8.54 -8.44 -6.39
N MET B 81 7.94 -7.35 -5.94
CA MET B 81 8.12 -6.85 -4.57
C MET B 81 7.29 -7.83 -3.74
N MET B 82 7.82 -8.17 -2.60
CA MET B 82 7.30 -9.14 -1.68
C MET B 82 6.18 -8.55 -0.84
N SER B 83 5.10 -9.29 -0.74
CA SER B 83 3.95 -8.95 0.08
C SER B 83 4.25 -8.92 1.58
N LEU B 84 4.47 -7.72 2.10
CA LEU B 84 4.90 -7.72 3.48
C LEU B 84 3.90 -7.21 4.48
N ALA B 85 3.31 -8.17 5.21
CA ALA B 85 2.43 -7.87 6.30
C ALA B 85 2.72 -6.58 7.09
N ASN B 86 1.59 -5.94 7.39
CA ASN B 86 1.61 -4.73 8.18
C ASN B 86 1.30 -5.08 9.65
N ALA B 87 1.97 -4.30 10.49
CA ALA B 87 1.82 -4.26 11.89
C ALA B 87 1.45 -2.82 12.29
N PHE B 88 0.40 -2.65 13.11
CA PHE B 88 -0.14 -1.34 13.48
C PHE B 88 0.00 -1.05 14.95
N GLY B 89 0.44 -1.96 15.79
CA GLY B 89 0.64 -1.74 17.21
C GLY B 89 1.45 -2.84 17.87
N GLU B 90 1.73 -2.78 19.16
CA GLU B 90 2.51 -3.79 19.84
C GLU B 90 2.00 -5.24 19.69
N GLY B 91 0.67 -5.42 19.70
CA GLY B 91 0.10 -6.74 19.58
C GLY B 91 0.35 -7.42 18.29
N ASP B 92 0.35 -6.75 17.16
CA ASP B 92 0.61 -7.38 15.88
C ASP B 92 2.02 -7.94 15.98
N LEU B 93 2.86 -7.13 16.59
CA LEU B 93 4.22 -7.33 16.94
C LEU B 93 4.46 -8.58 17.74
N ARG B 94 3.61 -8.87 18.71
CA ARG B 94 3.82 -10.06 19.49
C ARG B 94 3.31 -11.33 18.85
N ASP B 95 2.21 -11.12 18.15
CA ASP B 95 1.62 -12.26 17.47
C ASP B 95 2.57 -12.64 16.34
N PHE B 96 3.25 -11.67 15.72
CA PHE B 96 4.17 -12.00 14.63
C PHE B 96 5.23 -12.82 15.34
N ASP B 97 5.84 -12.33 16.42
CA ASP B 97 6.90 -13.02 17.09
C ASP B 97 6.49 -14.39 17.63
N ARG B 98 5.29 -14.55 18.16
CA ARG B 98 4.78 -15.83 18.57
C ARG B 98 4.74 -16.81 17.39
N ARG B 99 4.40 -16.49 16.13
CA ARG B 99 4.37 -17.54 15.14
C ARG B 99 5.83 -17.84 14.80
N VAL B 100 6.71 -16.87 14.87
CA VAL B 100 8.13 -17.19 14.71
C VAL B 100 8.58 -18.22 15.77
N ARG B 101 8.32 -17.95 17.04
CA ARG B 101 8.74 -18.84 18.10
C ARG B 101 8.15 -20.25 18.06
N GLN B 102 6.92 -20.41 17.55
CA GLN B 102 6.37 -21.73 17.47
C GLN B 102 7.09 -22.52 16.39
N GLU B 103 7.80 -21.90 15.46
CA GLU B 103 8.37 -22.76 14.43
C GLU B 103 9.85 -22.90 14.54
N VAL B 104 10.66 -22.05 15.10
CA VAL B 104 12.08 -22.06 15.08
C VAL B 104 12.64 -21.62 16.43
N GLY B 105 11.82 -21.29 17.41
CA GLY B 105 12.36 -20.93 18.72
C GLY B 105 12.65 -19.45 18.71
N GLU B 106 13.34 -19.05 19.76
CA GLU B 106 13.75 -17.65 19.85
C GLU B 106 14.53 -17.30 18.63
N ALA B 107 14.11 -16.42 17.74
CA ALA B 107 14.99 -16.09 16.59
C ALA B 107 15.45 -14.65 16.71
N ALA B 108 16.66 -14.22 16.35
CA ALA B 108 17.02 -12.80 16.38
C ALA B 108 16.48 -12.05 15.16
N TYR B 109 16.06 -10.78 15.28
CA TYR B 109 15.64 -10.01 14.14
C TYR B 109 16.56 -8.84 13.75
N VAL B 110 16.35 -8.24 12.58
CA VAL B 110 17.02 -7.03 12.20
C VAL B 110 15.92 -5.97 12.12
N CYS B 111 16.19 -4.76 12.58
CA CYS B 111 15.22 -3.67 12.47
C CYS B 111 15.79 -2.59 11.57
N GLU B 112 15.03 -2.21 10.57
CA GLU B 112 15.47 -1.19 9.62
C GLU B 112 14.37 -0.13 9.52
N LEU B 113 14.83 1.09 9.24
CA LEU B 113 13.86 2.19 9.01
C LEU B 113 13.21 2.04 7.64
N ALA B 114 11.91 2.16 7.50
CA ALA B 114 11.31 2.09 6.16
C ALA B 114 11.20 3.50 5.55
N ILE B 115 12.13 3.66 4.57
CA ILE B 115 12.27 4.94 3.86
C ILE B 115 11.08 5.16 2.92
N ASP B 116 10.44 6.30 3.03
CA ASP B 116 9.25 6.57 2.20
C ASP B 116 9.78 6.93 0.82
N GLY B 117 9.89 6.15 -0.24
CA GLY B 117 10.58 6.71 -1.42
C GLY B 117 10.09 5.91 -2.62
N LEU B 118 10.99 5.71 -3.57
CA LEU B 118 10.46 4.88 -4.69
C LEU B 118 11.29 3.61 -4.71
N ALA B 119 10.65 2.44 -4.86
CA ALA B 119 11.46 1.21 -4.84
C ALA B 119 12.09 0.89 -6.21
N VAL B 120 13.41 0.69 -6.23
CA VAL B 120 14.14 0.44 -7.44
C VAL B 120 15.03 -0.79 -7.25
N SER B 121 15.46 -1.32 -8.37
CA SER B 121 16.41 -2.42 -8.48
C SER B 121 17.58 -1.86 -9.33
N VAL B 122 18.79 -2.13 -8.91
CA VAL B 122 19.98 -1.61 -9.57
C VAL B 122 20.90 -2.80 -9.82
N ARG B 123 20.96 -3.23 -11.08
CA ARG B 123 21.80 -4.35 -11.44
C ARG B 123 23.20 -4.02 -11.92
N TYR B 124 24.14 -4.84 -11.46
CA TYR B 124 25.54 -4.69 -11.80
C TYR B 124 26.17 -5.87 -12.51
N GLU B 125 26.99 -5.71 -13.55
CA GLU B 125 27.80 -6.71 -14.21
C GLU B 125 29.29 -6.41 -14.04
N ASP B 126 30.08 -7.30 -13.47
CA ASP B 126 31.47 -7.09 -13.17
C ASP B 126 31.68 -5.73 -12.47
N GLY B 127 30.95 -5.55 -11.38
CA GLY B 127 30.95 -4.36 -10.60
C GLY B 127 30.52 -3.09 -11.30
N TYR B 128 30.04 -3.01 -12.50
CA TYR B 128 29.56 -1.90 -13.22
C TYR B 128 28.04 -1.81 -13.23
N PHE B 129 27.51 -0.64 -12.93
CA PHE B 129 26.11 -0.35 -13.05
C PHE B 129 25.64 -0.48 -14.49
N VAL B 130 24.67 -1.34 -14.77
CA VAL B 130 24.16 -1.45 -16.11
C VAL B 130 22.68 -1.24 -16.15
N GLN B 131 21.91 -1.63 -15.16
CA GLN B 131 20.46 -1.38 -15.31
C GLN B 131 19.74 -1.03 -14.02
N GLY B 132 18.89 -0.02 -14.09
CA GLY B 132 18.11 0.38 -12.91
C GLY B 132 16.65 0.30 -13.30
N ALA B 133 15.74 -0.17 -12.45
CA ALA B 133 14.33 -0.29 -12.84
C ALA B 133 13.42 -0.04 -11.68
N THR B 134 12.25 0.50 -11.84
CA THR B 134 11.17 0.59 -10.87
C THR B 134 10.61 -0.84 -10.74
N ARG B 135 9.79 -0.97 -9.69
CA ARG B 135 9.32 -2.26 -9.21
C ARG B 135 7.84 -2.40 -9.04
N GLY B 136 7.25 -2.07 -7.88
CA GLY B 136 5.81 -2.27 -7.75
C GLY B 136 5.33 -3.67 -7.41
N ASP B 137 3.98 -3.74 -7.17
CA ASP B 137 3.37 -4.99 -6.78
C ASP B 137 3.65 -6.10 -7.78
N GLY B 138 3.94 -5.88 -9.05
CA GLY B 138 4.03 -6.85 -10.06
C GLY B 138 5.32 -7.34 -10.65
N THR B 139 5.23 -7.86 -11.88
CA THR B 139 6.40 -8.39 -12.55
C THR B 139 6.99 -7.42 -13.56
N THR B 140 6.41 -6.23 -13.56
CA THR B 140 6.76 -5.24 -14.58
C THR B 140 7.32 -4.00 -13.95
N GLY B 141 7.91 -3.17 -14.80
CA GLY B 141 8.54 -1.93 -14.36
C GLY B 141 9.12 -1.12 -15.53
N GLU B 142 9.87 -0.11 -15.10
CA GLU B 142 10.50 0.76 -16.06
C GLU B 142 11.98 0.97 -15.91
N ASP B 143 12.63 0.92 -17.06
CA ASP B 143 14.07 1.15 -17.13
C ASP B 143 14.41 2.64 -16.92
N ILE B 144 14.93 3.04 -15.80
CA ILE B 144 15.17 4.36 -15.36
C ILE B 144 16.67 4.47 -15.00
N THR B 145 17.43 3.67 -15.76
CA THR B 145 18.86 3.69 -15.55
C THR B 145 19.53 5.01 -15.79
N GLU B 146 19.23 5.88 -16.74
CA GLU B 146 19.90 7.17 -16.84
C GLU B 146 19.61 8.14 -15.72
N ASN B 147 18.33 8.17 -15.25
CA ASN B 147 18.03 9.06 -14.13
C ASN B 147 18.68 8.53 -12.84
N LEU B 148 18.83 7.21 -12.69
CA LEU B 148 19.39 6.69 -11.45
C LEU B 148 20.87 6.98 -11.48
N LYS B 149 21.53 7.14 -12.65
CA LYS B 149 22.94 7.50 -12.67
C LYS B 149 23.21 8.90 -12.17
N THR B 150 22.11 9.68 -12.12
CA THR B 150 22.21 11.02 -11.59
C THR B 150 22.15 10.94 -10.08
N ILE B 151 21.83 9.79 -9.47
CA ILE B 151 21.90 9.78 -8.00
C ILE B 151 23.36 9.69 -7.59
N ARG B 152 23.90 10.80 -7.14
CA ARG B 152 25.28 10.85 -6.67
C ARG B 152 25.71 9.82 -5.66
N SER B 153 25.05 9.17 -4.73
CA SER B 153 25.68 8.16 -3.86
C SER B 153 25.57 6.77 -4.50
N LEU B 154 24.79 6.61 -5.57
CA LEU B 154 24.72 5.33 -6.26
C LEU B 154 25.99 5.05 -7.04
N PRO B 155 26.76 4.04 -6.68
CA PRO B 155 28.03 3.80 -7.37
C PRO B 155 27.85 3.41 -8.80
N LEU B 156 28.59 4.06 -9.70
CA LEU B 156 28.58 3.66 -11.11
C LEU B 156 29.48 2.43 -11.31
N ARG B 157 30.27 2.12 -10.30
CA ARG B 157 31.19 1.04 -10.26
C ARG B 157 31.50 0.62 -8.83
N LEU B 158 31.14 -0.63 -8.56
CA LEU B 158 31.31 -1.17 -7.20
C LEU B 158 32.76 -1.30 -6.78
N LYS B 159 32.98 -1.61 -5.53
CA LYS B 159 34.38 -1.84 -5.13
C LYS B 159 35.16 -3.02 -5.68
N GLU B 160 34.46 -4.06 -6.07
CA GLU B 160 34.92 -5.32 -6.53
C GLU B 160 34.05 -5.64 -7.72
N PRO B 161 34.66 -6.27 -8.72
CA PRO B 161 33.95 -6.66 -9.90
C PRO B 161 32.95 -7.79 -9.72
N VAL B 162 31.91 -7.70 -8.90
CA VAL B 162 30.96 -8.83 -8.86
C VAL B 162 29.75 -8.52 -9.71
N SER B 163 28.97 -9.48 -10.15
CA SER B 163 27.73 -9.16 -10.84
C SER B 163 26.56 -9.41 -9.90
N LEU B 164 25.77 -8.41 -9.44
CA LEU B 164 24.64 -8.82 -8.58
C LEU B 164 23.46 -7.91 -8.84
N GLU B 165 22.34 -8.08 -8.16
CA GLU B 165 21.28 -7.08 -8.30
C GLU B 165 20.94 -6.67 -6.88
N ALA B 166 20.89 -5.39 -6.61
CA ALA B 166 20.56 -5.01 -5.23
C ALA B 166 19.23 -4.28 -5.30
N ARG B 167 18.50 -4.17 -4.20
CA ARG B 167 17.27 -3.45 -4.17
C ARG B 167 17.45 -2.23 -3.28
N GLY B 168 16.80 -1.10 -3.56
CA GLY B 168 17.04 0.05 -2.64
C GLY B 168 15.85 0.98 -2.76
N GLU B 169 15.91 1.97 -1.90
CA GLU B 169 14.84 2.96 -1.89
C GLU B 169 15.40 4.32 -2.29
N ALA B 170 14.84 4.93 -3.34
CA ALA B 170 15.29 6.28 -3.76
C ALA B 170 14.37 7.35 -3.12
N PHE B 171 14.92 8.39 -2.52
CA PHE B 171 14.17 9.44 -1.87
C PHE B 171 14.80 10.82 -1.99
N MET B 172 14.24 11.78 -1.25
CA MET B 172 14.71 13.15 -1.24
C MET B 172 14.73 13.75 0.14
N PRO B 173 15.88 14.27 0.53
CA PRO B 173 15.95 14.95 1.83
C PRO B 173 14.75 15.88 1.88
N LYS B 174 14.23 16.09 3.09
CA LYS B 174 13.01 16.90 3.27
C LYS B 174 13.32 18.34 2.82
N ALA B 175 14.51 18.81 3.21
CA ALA B 175 15.01 20.11 2.82
C ALA B 175 15.03 20.27 1.31
N SER B 176 15.55 19.25 0.60
CA SER B 176 15.65 19.35 -0.86
C SER B 176 14.22 19.52 -1.34
N PHE B 177 13.28 18.79 -0.81
CA PHE B 177 11.90 18.95 -1.14
C PHE B 177 11.36 20.34 -0.82
N LEU B 178 11.66 20.89 0.34
CA LEU B 178 11.18 22.24 0.66
C LEU B 178 11.60 23.19 -0.46
N ARG B 179 12.95 23.23 -0.64
CA ARG B 179 13.57 24.06 -1.62
C ARG B 179 12.93 23.80 -2.97
N LEU B 180 12.85 22.60 -3.49
CA LEU B 180 12.24 22.45 -4.81
C LEU B 180 10.88 23.08 -4.89
N ASN B 181 9.96 22.80 -3.98
CA ASN B 181 8.60 23.30 -4.00
C ASN B 181 8.59 24.82 -4.01
N GLU B 182 9.47 25.42 -3.21
CA GLU B 182 9.59 26.85 -3.19
C GLU B 182 9.82 27.33 -4.60
N GLU B 183 10.97 27.01 -5.16
CA GLU B 183 11.29 27.32 -6.53
C GLU B 183 10.05 27.04 -7.36
N ARG B 184 9.38 25.90 -7.22
CA ARG B 184 8.15 25.83 -8.06
C ARG B 184 7.17 26.95 -7.70
N LYS B 185 6.91 27.35 -6.47
CA LYS B 185 5.99 28.42 -6.13
C LYS B 185 6.30 29.66 -6.97
N ALA B 186 7.56 30.11 -7.02
CA ALA B 186 7.89 31.24 -7.88
C ALA B 186 7.31 31.04 -9.28
N ARG B 187 7.48 29.91 -9.95
CA ARG B 187 6.86 29.70 -11.26
C ARG B 187 5.44 29.15 -11.18
N GLU B 190 3.19 25.81 -9.14
CA GLU B 190 3.05 24.38 -9.51
C GLU B 190 3.70 23.56 -8.42
N LEU B 191 3.18 22.39 -7.96
CA LEU B 191 3.80 21.87 -6.72
C LEU B 191 3.80 20.42 -6.35
N PHE B 192 4.65 20.01 -5.38
CA PHE B 192 4.68 18.59 -5.04
C PHE B 192 4.06 18.19 -3.72
N ALA B 193 3.21 17.17 -3.77
CA ALA B 193 2.59 16.61 -2.58
C ALA B 193 3.51 16.30 -1.43
N ASN B 194 4.55 15.49 -1.44
CA ASN B 194 5.43 15.19 -0.32
C ASN B 194 6.67 14.53 -0.88
N PRO B 195 7.74 14.50 -0.15
CA PRO B 195 8.99 13.92 -0.65
C PRO B 195 8.84 12.77 -1.60
N ARG B 196 8.23 11.67 -1.19
CA ARG B 196 7.93 10.48 -2.01
C ARG B 196 7.35 10.85 -3.36
N ASN B 197 6.30 11.66 -3.46
CA ASN B 197 5.79 11.93 -4.81
C ASN B 197 6.77 12.70 -5.68
N ALA B 198 7.62 13.55 -5.16
CA ALA B 198 8.58 14.33 -5.89
C ALA B 198 9.73 13.44 -6.40
N ALA B 199 10.22 12.54 -5.58
CA ALA B 199 11.31 11.63 -5.93
C ALA B 199 10.90 10.70 -7.06
N ALA B 200 9.67 10.17 -6.93
CA ALA B 200 9.15 9.23 -7.91
C ALA B 200 9.06 9.96 -9.26
N GLY B 201 8.39 11.11 -9.18
CA GLY B 201 8.15 11.96 -10.33
C GLY B 201 9.46 12.31 -11.01
N SER B 202 10.44 12.80 -10.24
CA SER B 202 11.76 13.10 -10.68
C SER B 202 12.41 11.92 -11.40
N LEU B 203 12.36 10.70 -10.85
CA LEU B 203 12.99 9.63 -11.63
C LEU B 203 12.01 9.12 -12.67
N ARG B 204 10.72 9.38 -12.70
CA ARG B 204 10.01 8.67 -13.79
C ARG B 204 9.95 9.57 -15.00
N GLN B 205 10.21 10.87 -14.79
CA GLN B 205 10.18 11.79 -15.92
C GLN B 205 11.34 11.40 -16.81
N LEU B 206 11.28 11.88 -18.01
CA LEU B 206 12.13 11.61 -19.14
C LEU B 206 13.33 12.50 -19.36
N ASP B 207 13.70 13.50 -18.59
CA ASP B 207 14.98 14.18 -18.87
C ASP B 207 16.00 13.96 -17.76
N PRO B 208 17.09 13.31 -18.11
CA PRO B 208 18.14 13.05 -17.14
C PRO B 208 18.61 14.30 -16.42
N LYS B 209 18.71 15.49 -17.03
CA LYS B 209 19.17 16.59 -16.21
C LYS B 209 18.04 17.11 -15.36
N VAL B 210 16.76 16.78 -15.48
CA VAL B 210 15.90 17.38 -14.45
C VAL B 210 16.05 16.53 -13.20
N ALA B 211 16.26 15.25 -13.43
CA ALA B 211 16.50 14.27 -12.37
C ALA B 211 17.79 14.71 -11.73
N ALA B 212 18.79 14.96 -12.58
CA ALA B 212 20.11 15.42 -12.07
C ALA B 212 20.04 16.59 -11.11
N SER B 213 19.08 17.47 -11.15
CA SER B 213 18.98 18.61 -10.28
C SER B 213 18.04 18.50 -9.07
N ARG B 214 17.40 17.39 -8.82
CA ARG B 214 16.54 17.20 -7.67
C ARG B 214 17.28 16.69 -6.44
N GLN B 215 18.56 16.38 -6.53
CA GLN B 215 19.32 16.02 -5.34
C GLN B 215 18.78 14.79 -4.64
N LEU B 216 18.54 13.72 -5.41
CA LEU B 216 18.03 12.46 -4.88
C LEU B 216 19.03 11.62 -4.12
N ASP B 217 18.57 10.70 -3.27
CA ASP B 217 19.52 9.85 -2.52
C ASP B 217 19.01 8.43 -2.61
N LEU B 218 19.60 7.44 -1.98
CA LEU B 218 19.11 6.07 -2.14
C LEU B 218 19.71 5.19 -1.08
N PHE B 219 18.84 4.39 -0.47
CA PHE B 219 19.48 3.52 0.55
C PHE B 219 19.33 2.11 0.03
N VAL B 220 20.44 1.37 -0.06
CA VAL B 220 20.33 -0.05 -0.48
C VAL B 220 19.90 -0.90 0.70
N TYR B 221 18.86 -1.72 0.57
CA TYR B 221 18.36 -2.46 1.72
C TYR B 221 18.24 -3.98 1.50
N GLY B 222 18.50 -4.37 0.25
CA GLY B 222 18.40 -5.73 -0.20
C GLY B 222 19.30 -6.14 -1.34
N LEU B 223 19.51 -7.45 -1.36
CA LEU B 223 20.41 -8.15 -2.30
C LEU B 223 19.55 -9.17 -3.01
N ALA B 224 19.48 -9.31 -4.32
CA ALA B 224 18.65 -10.38 -4.89
C ALA B 224 19.63 -11.57 -4.90
N ASP B 225 19.11 -12.80 -4.96
CA ASP B 225 19.91 -13.98 -4.96
C ASP B 225 21.04 -14.04 -3.99
N ALA B 226 20.92 -13.72 -2.74
CA ALA B 226 21.92 -13.71 -1.72
C ALA B 226 22.50 -15.09 -1.43
N GLU B 227 21.63 -16.09 -1.49
CA GLU B 227 22.03 -17.44 -1.15
C GLU B 227 22.95 -17.92 -2.25
N ALA B 228 22.75 -17.58 -3.52
CA ALA B 228 23.75 -18.08 -4.55
C ALA B 228 25.11 -17.40 -4.42
N LEU B 229 25.15 -16.23 -3.76
CA LEU B 229 26.37 -15.49 -3.51
C LEU B 229 27.11 -15.86 -2.24
N GLY B 230 26.48 -16.80 -1.52
CA GLY B 230 26.89 -17.38 -0.28
C GLY B 230 26.68 -16.49 0.90
N ILE B 231 25.60 -15.69 0.90
CA ILE B 231 25.27 -14.87 2.10
C ILE B 231 24.27 -15.63 2.97
N ALA B 232 24.34 -15.70 4.30
CA ALA B 232 23.43 -16.49 5.14
C ALA B 232 22.46 -15.93 6.17
N SER B 233 22.42 -14.64 6.42
CA SER B 233 21.63 -13.77 7.17
C SER B 233 21.49 -12.43 6.41
N HIS B 234 20.52 -11.64 6.89
CA HIS B 234 20.20 -10.38 6.34
C HIS B 234 21.09 -9.24 6.80
N SER B 235 21.65 -9.33 7.98
CA SER B 235 22.59 -8.34 8.48
C SER B 235 23.95 -8.59 7.82
N GLU B 236 24.24 -9.85 7.45
CA GLU B 236 25.47 -10.05 6.64
C GLU B 236 25.24 -9.44 5.25
N ALA B 237 24.03 -9.58 4.64
CA ALA B 237 23.83 -9.01 3.34
C ALA B 237 24.00 -7.51 3.50
N LEU B 238 23.40 -6.76 4.40
CA LEU B 238 23.69 -5.34 4.49
C LEU B 238 25.16 -5.00 4.69
N ASP B 239 25.93 -5.75 5.47
CA ASP B 239 27.33 -5.50 5.65
C ASP B 239 28.06 -5.71 4.31
N TYR B 240 27.72 -6.80 3.62
CA TYR B 240 28.34 -7.14 2.36
C TYR B 240 28.11 -6.02 1.34
N LEU B 241 26.89 -5.50 1.26
CA LEU B 241 26.57 -4.48 0.28
C LEU B 241 27.38 -3.21 0.60
N GLN B 242 27.43 -2.99 1.91
CA GLN B 242 28.12 -1.81 2.41
C GLN B 242 29.57 -1.80 2.03
N ALA B 243 30.28 -2.89 2.07
CA ALA B 243 31.69 -3.09 1.88
C ALA B 243 32.09 -2.94 0.41
N LEU B 244 31.18 -3.20 -0.49
CA LEU B 244 31.21 -3.04 -1.90
C LEU B 244 31.03 -1.58 -2.29
N GLY B 245 30.54 -0.74 -1.40
CA GLY B 245 30.36 0.65 -1.69
C GLY B 245 29.02 1.25 -1.90
N PHE B 246 27.95 0.67 -1.48
CA PHE B 246 26.59 1.12 -1.62
C PHE B 246 26.18 1.90 -0.36
N LYS B 247 25.17 2.73 -0.35
CA LYS B 247 24.73 3.40 0.86
C LYS B 247 23.64 2.57 1.53
N VAL B 248 23.93 2.00 2.68
CA VAL B 248 23.03 1.13 3.45
C VAL B 248 22.67 2.00 4.63
N ASN B 249 21.42 2.11 5.04
CA ASN B 249 21.08 3.03 6.14
C ASN B 249 21.76 2.63 7.41
N PRO B 250 22.43 3.55 8.11
CA PRO B 250 23.14 3.30 9.36
C PRO B 250 22.25 3.06 10.57
N GLU B 251 21.02 3.46 10.72
CA GLU B 251 20.24 3.18 11.89
C GLU B 251 19.83 1.72 12.11
N ARG B 252 20.05 0.77 11.23
CA ARG B 252 19.63 -0.59 11.43
C ARG B 252 20.25 -1.28 12.61
N ARG B 253 19.52 -2.07 13.40
CA ARG B 253 19.97 -2.81 14.53
C ARG B 253 19.50 -4.28 14.58
N ARG B 254 20.37 -5.08 15.18
CA ARG B 254 20.12 -6.51 15.35
C ARG B 254 19.34 -6.63 16.62
N CYS B 255 18.21 -7.30 16.75
CA CYS B 255 17.43 -7.32 17.99
C CYS B 255 17.20 -8.78 18.41
N ALA B 256 17.59 -9.01 19.68
CA ALA B 256 17.54 -10.37 20.23
C ALA B 256 16.10 -10.86 20.42
N ASN B 257 15.14 -9.98 20.64
CA ASN B 257 13.79 -10.43 20.85
C ASN B 257 12.73 -9.40 20.58
N ILE B 258 11.47 -9.75 20.62
CA ILE B 258 10.39 -8.84 20.34
C ILE B 258 10.46 -7.66 21.27
N ASP B 259 10.97 -7.80 22.50
CA ASP B 259 11.08 -6.67 23.39
C ASP B 259 12.01 -5.60 22.83
N GLU B 260 13.10 -6.01 22.19
CA GLU B 260 14.01 -5.02 21.60
C GLU B 260 13.43 -4.45 20.32
N VAL B 261 12.78 -5.30 19.51
CA VAL B 261 12.05 -4.80 18.34
C VAL B 261 11.16 -3.62 18.78
N ILE B 262 10.28 -3.90 19.75
CA ILE B 262 9.41 -2.90 20.32
C ILE B 262 10.24 -1.73 20.80
N ALA B 263 11.24 -1.85 21.66
CA ALA B 263 12.08 -0.74 22.10
C ALA B 263 12.51 0.05 20.86
N PHE B 264 13.02 -0.53 19.80
CA PHE B 264 13.41 0.18 18.60
C PHE B 264 12.25 0.87 17.85
N VAL B 265 11.11 0.20 17.68
CA VAL B 265 9.95 0.80 17.04
C VAL B 265 9.52 2.04 17.77
N SER B 266 9.59 2.11 19.06
CA SER B 266 9.33 3.29 19.88
C SER B 266 10.43 4.31 19.80
N GLU B 267 11.69 3.89 19.80
CA GLU B 267 12.80 4.79 19.63
C GLU B 267 12.60 5.56 18.32
N TRP B 268 12.44 4.87 17.18
CA TRP B 268 12.31 5.66 15.94
C TRP B 268 11.04 6.43 15.78
N HIS B 269 9.94 6.02 16.38
CA HIS B 269 8.71 6.81 16.14
C HIS B 269 8.80 8.23 16.68
N ASP B 270 9.61 8.44 17.74
CA ASP B 270 9.54 9.83 18.21
C ASP B 270 10.82 10.58 18.04
N LYS B 271 11.82 10.01 17.44
CA LYS B 271 13.11 10.55 17.01
C LYS B 271 13.01 10.78 15.50
N ARG B 272 11.86 10.38 14.94
CA ARG B 272 11.64 10.46 13.53
C ARG B 272 11.66 11.83 12.92
N PRO B 273 11.16 12.87 13.58
CA PRO B 273 11.22 14.22 13.04
C PRO B 273 12.65 14.68 13.02
N GLN B 274 13.58 14.27 13.87
CA GLN B 274 14.94 14.79 13.69
C GLN B 274 15.71 14.09 12.58
N LEU B 275 15.13 13.30 11.70
CA LEU B 275 15.76 12.64 10.61
C LEU B 275 15.51 13.50 9.37
N PRO B 276 16.50 13.61 8.49
CA PRO B 276 16.47 14.47 7.34
C PRO B 276 15.79 13.95 6.09
N TYR B 277 15.24 12.75 6.20
CA TYR B 277 14.52 12.06 5.15
C TYR B 277 13.34 11.52 5.96
N GLU B 278 12.30 11.14 5.32
CA GLU B 278 11.12 10.56 5.87
C GLU B 278 11.11 9.02 5.86
N ILE B 279 10.70 8.53 7.03
CA ILE B 279 10.52 7.09 7.24
C ILE B 279 9.01 6.98 7.39
N ASP B 280 8.57 5.82 7.14
CA ASP B 280 7.25 5.30 7.01
C ASP B 280 6.73 4.29 8.00
N GLY B 281 7.66 3.75 8.75
CA GLY B 281 7.52 2.75 9.74
C GLY B 281 8.84 2.00 9.82
N ILE B 282 8.77 0.73 10.23
CA ILE B 282 9.93 -0.09 10.51
C ILE B 282 9.73 -1.47 9.92
N VAL B 283 10.66 -1.89 9.08
CA VAL B 283 10.67 -3.23 8.49
C VAL B 283 11.39 -4.17 9.45
N ILE B 284 10.92 -5.38 9.67
CA ILE B 284 11.46 -6.23 10.74
C ILE B 284 11.62 -7.61 10.16
N LYS B 285 12.85 -8.10 10.06
CA LYS B 285 12.99 -9.41 9.43
C LYS B 285 13.76 -10.43 10.26
N VAL B 286 13.29 -11.69 10.24
CA VAL B 286 14.06 -12.69 10.98
C VAL B 286 15.45 -12.70 10.36
N ASP B 287 16.52 -12.65 11.11
CA ASP B 287 17.83 -12.48 10.56
C ASP B 287 18.38 -13.60 9.72
N SER B 288 18.38 -14.80 10.25
CA SER B 288 18.92 -15.95 9.56
C SER B 288 18.15 -16.45 8.38
N PHE B 289 18.83 -16.74 7.29
CA PHE B 289 18.17 -17.34 6.10
C PHE B 289 17.65 -18.74 6.43
N ALA B 290 18.28 -19.49 7.35
CA ALA B 290 17.76 -20.79 7.77
C ALA B 290 16.40 -20.65 8.47
N GLN B 291 16.22 -19.67 9.40
CA GLN B 291 14.89 -19.65 10.00
C GLN B 291 13.85 -19.13 9.05
N GLN B 292 14.24 -18.34 8.06
CA GLN B 292 13.25 -17.78 7.11
C GLN B 292 12.82 -18.96 6.21
N ARG B 293 13.78 -19.82 5.79
CA ARG B 293 13.44 -20.99 4.99
C ARG B 293 12.32 -21.81 5.66
N ALA B 294 12.37 -22.05 6.89
CA ALA B 294 11.60 -22.72 7.86
C ALA B 294 10.31 -21.97 8.17
N LEU B 295 10.29 -20.66 8.21
CA LEU B 295 9.00 -20.04 8.33
C LEU B 295 8.27 -20.01 7.01
N GLY B 296 8.90 -20.01 5.86
CA GLY B 296 8.25 -19.91 4.55
C GLY B 296 7.29 -18.73 4.43
N ALA B 297 6.33 -18.98 3.56
CA ALA B 297 5.27 -18.00 3.26
C ALA B 297 3.91 -18.67 3.38
N THR B 298 2.84 -17.93 3.61
CA THR B 298 1.43 -18.25 3.68
C THR B 298 0.76 -17.43 2.55
N ALA B 299 0.51 -18.03 1.41
CA ALA B 299 -0.08 -17.30 0.28
C ALA B 299 1.01 -16.75 -0.62
N LYS B 300 1.75 -15.70 -0.33
CA LYS B 300 2.80 -15.19 -1.22
C LYS B 300 3.69 -14.31 -0.33
N SER B 301 3.17 -13.99 0.87
CA SER B 301 3.86 -13.18 1.84
C SER B 301 4.84 -13.93 2.73
N PRO B 302 6.07 -13.48 2.92
CA PRO B 302 6.93 -14.06 3.92
C PRO B 302 6.25 -14.18 5.28
N ARG B 303 6.64 -15.13 6.13
CA ARG B 303 6.06 -15.21 7.47
C ARG B 303 7.24 -14.84 8.39
N TRP B 304 8.38 -14.49 7.78
CA TRP B 304 9.53 -14.12 8.59
C TRP B 304 9.83 -12.63 8.62
N ALA B 305 8.85 -11.79 8.23
CA ALA B 305 9.05 -10.39 7.99
C ALA B 305 7.70 -9.68 8.12
N ILE B 306 7.78 -8.54 8.80
CA ILE B 306 6.58 -7.74 8.98
C ILE B 306 6.97 -6.26 8.90
N ALA B 307 6.05 -5.45 8.35
CA ALA B 307 6.32 -4.01 8.15
C ALA B 307 5.46 -3.24 9.14
N TYR B 308 6.08 -2.61 10.11
CA TYR B 308 5.33 -1.84 11.12
C TYR B 308 5.03 -0.44 10.58
N LYS B 309 3.79 -0.04 10.44
CA LYS B 309 3.43 1.23 9.83
C LYS B 309 3.23 2.35 10.81
N PHE B 310 3.81 3.50 10.58
CA PHE B 310 3.64 4.71 11.38
C PHE B 310 2.79 5.63 10.50
N PRO B 311 1.93 6.49 11.02
CA PRO B 311 1.17 7.45 10.22
C PRO B 311 1.95 8.42 9.36
N ALA B 312 1.37 8.79 8.22
CA ALA B 312 1.86 9.64 7.17
C ALA B 312 2.45 11.01 7.42
N GLU B 313 2.01 11.92 8.26
CA GLU B 313 2.57 13.26 8.41
C GLU B 313 2.21 14.24 7.30
#